data_9QDJ
#
_entry.id   9QDJ
#
_cell.length_a   83.701
_cell.length_b   83.701
_cell.length_c   147.691
_cell.angle_alpha   90.000
_cell.angle_beta   90.000
_cell.angle_gamma   90.000
#
_symmetry.space_group_name_H-M   'P 41 21 2'
#
loop_
_entity.id
_entity.type
_entity.pdbx_description
1 polymer 'Lysine--tRNA ligase 1'
2 non-polymer LYSINE
3 non-polymer 2-azanyl-6-[(1~{S})-2,2-bis(fluoranyl)cyclohexyl]-4-methoxy-7~{H}-pyrrolo[3,4-d]pyrimidin-5-one
4 water water
#
_entity_poly.entity_id   1
_entity_poly.type   'polypeptide(L)'
_entity_poly.pdbx_seq_one_letter_code
;MGSSHHHHHHSSGENLYFQGHMSAADTAEDLPEQFRIRRDKRARLLAQGRDPYPVAVPRTHTLAEVRAAHPDLPIDTATE
DIVGVAGRVIFARNSGKLCFATLQDGDGTQLQVMISLDKVGQAALDAWKADVDLGDIVYVHGAVISSRRGELSVLADCWR
IAAKSLRPLPVAHKEMSEESRVRQRYVDLIVRPEARAVARLRIAVVRAIRTALQRRGFLEVETPVLQTLAGGAAARPFAT
HSNALDIDLYLRIAPELFLKRCIVGGFDKVFELNRVFRNEGADSTHSPEFSMLETYQTYGTYDDSAVVTRELIQEVADEA
IGTRQLPLPDGSVYDIDGEWATIQMYPSLSVALGEEITPQTTVDRLRGIADSLGLEKDPAIHDNRGFGHGKLIEELWERT
VGKSLSAPTFVKDFPVQTTPLTRQHRSIPGVTEKWDLYLRGIELATGYSELSDPVVQRERFADQARAAAAGDDEAMVLDE
DFLAALEYGMPPCTGTGMGIDRLLMSLTGLSIRETVLFPIVRPHSN
;
_entity_poly.pdbx_strand_id   A
#
# COMPACT_ATOMS: atom_id res chain seq x y z
N PRO A 32 -19.03 20.81 20.00
CA PRO A 32 -20.21 20.59 19.16
C PRO A 32 -20.88 21.90 18.73
N GLU A 33 -21.04 22.82 19.69
CA GLU A 33 -21.59 24.15 19.44
C GLU A 33 -20.52 25.06 18.82
N GLN A 34 -19.25 24.70 19.05
CA GLN A 34 -18.12 25.51 18.62
C GLN A 34 -18.01 25.55 17.10
N PHE A 35 -18.81 24.73 16.41
CA PHE A 35 -18.94 24.79 14.97
C PHE A 35 -19.49 26.17 14.58
N ARG A 36 -20.37 26.71 15.41
CA ARG A 36 -21.13 27.92 15.09
C ARG A 36 -20.27 29.16 15.33
N ILE A 37 -19.54 29.22 16.45
CA ILE A 37 -18.71 30.38 16.78
C ILE A 37 -17.56 30.51 15.77
N ARG A 38 -17.06 29.37 15.27
CA ARG A 38 -16.02 29.36 14.25
C ARG A 38 -16.56 29.97 12.96
N ARG A 39 -17.75 29.50 12.54
CA ARG A 39 -18.46 30.01 11.37
C ARG A 39 -18.68 31.52 11.48
N ASP A 40 -18.88 32.00 12.71
CA ASP A 40 -19.16 33.40 13.00
C ASP A 40 -17.90 34.25 12.94
N LYS A 41 -16.75 33.66 13.30
CA LYS A 41 -15.49 34.37 13.19
C LYS A 41 -15.10 34.55 11.72
N ARG A 42 -15.36 33.52 10.89
CA ARG A 42 -15.18 33.63 9.45
C ARG A 42 -15.95 34.85 8.95
N ALA A 43 -17.27 34.84 9.20
CA ALA A 43 -18.21 35.85 8.72
C ALA A 43 -17.80 37.27 9.11
N ARG A 44 -17.32 37.47 10.34
CA ARG A 44 -16.96 38.81 10.80
C ARG A 44 -15.59 39.23 10.25
N LEU A 45 -14.73 38.24 9.96
CA LEU A 45 -13.43 38.48 9.36
C LEU A 45 -13.61 38.95 7.92
N LEU A 46 -14.52 38.29 7.18
CA LEU A 46 -14.90 38.71 5.84
C LEU A 46 -15.36 40.16 5.86
N ALA A 47 -16.27 40.46 6.80
CA ALA A 47 -16.91 41.76 6.92
C ALA A 47 -15.89 42.88 7.14
N GLN A 48 -14.84 42.59 7.92
CA GLN A 48 -13.84 43.59 8.28
C GLN A 48 -12.87 43.83 7.12
N GLY A 49 -12.88 42.96 6.10
CA GLY A 49 -11.92 43.00 5.02
C GLY A 49 -10.59 42.33 5.39
N ARG A 50 -10.62 41.43 6.39
CA ARG A 50 -9.54 40.49 6.64
C ARG A 50 -9.85 39.24 5.82
N ASP A 51 -8.85 38.68 5.14
CA ASP A 51 -9.06 37.52 4.30
C ASP A 51 -8.68 36.27 5.11
N PRO A 52 -9.65 35.39 5.47
CA PRO A 52 -9.36 34.14 6.19
C PRO A 52 -9.09 32.92 5.32
N TYR A 53 -9.18 33.09 4.00
CA TYR A 53 -8.71 32.12 3.03
C TYR A 53 -8.00 32.88 1.92
N PRO A 54 -6.86 33.55 2.21
CA PRO A 54 -6.12 34.30 1.20
C PRO A 54 -5.61 33.37 0.10
N VAL A 55 -5.51 33.89 -1.13
CA VAL A 55 -4.96 33.15 -2.25
C VAL A 55 -3.51 32.78 -1.96
N ALA A 56 -2.76 33.75 -1.41
CA ALA A 56 -1.32 33.63 -1.26
C ALA A 56 -0.92 34.10 0.13
N VAL A 57 0.12 33.47 0.67
CA VAL A 57 0.91 34.03 1.74
C VAL A 57 2.36 33.69 1.41
N PRO A 58 3.34 34.61 1.60
CA PRO A 58 4.71 34.38 1.14
C PRO A 58 5.54 33.59 2.12
N ARG A 59 5.20 32.31 2.30
CA ARG A 59 5.99 31.40 3.10
C ARG A 59 7.36 31.25 2.44
N THR A 60 8.42 31.54 3.20
CA THR A 60 9.78 31.45 2.71
C THR A 60 10.33 30.04 2.95
N HIS A 61 9.91 29.39 4.05
CA HIS A 61 10.49 28.13 4.46
C HIS A 61 9.43 27.21 5.09
N THR A 62 9.59 25.90 4.87
CA THR A 62 8.96 24.89 5.71
C THR A 62 9.59 24.98 7.09
N LEU A 63 8.88 24.49 8.11
CA LEU A 63 9.39 24.55 9.48
C LEU A 63 10.64 23.68 9.59
N ALA A 64 10.61 22.53 8.91
CA ALA A 64 11.75 21.62 8.88
C ALA A 64 13.00 22.31 8.35
N GLU A 65 12.82 23.27 7.43
CA GLU A 65 13.93 24.01 6.85
C GLU A 65 14.51 24.94 7.91
N VAL A 66 13.63 25.60 8.66
CA VAL A 66 14.01 26.46 9.77
C VAL A 66 14.76 25.63 10.82
N ARG A 67 14.25 24.44 11.13
CA ARG A 67 14.90 23.60 12.14
C ARG A 67 16.31 23.27 11.71
N ALA A 68 16.46 22.60 10.55
CA ALA A 68 17.74 22.18 10.02
C ALA A 68 18.70 23.35 9.79
N ALA A 69 18.20 24.59 9.93
CA ALA A 69 19.03 25.79 9.81
C ALA A 69 19.59 26.20 11.17
N HIS A 70 18.89 25.86 12.27
CA HIS A 70 19.25 26.30 13.60
C HIS A 70 19.21 25.11 14.57
N PRO A 71 20.07 24.09 14.38
CA PRO A 71 19.97 22.84 15.13
C PRO A 71 20.34 22.95 16.62
N ASP A 72 21.27 23.85 16.95
CA ASP A 72 21.81 23.96 18.29
C ASP A 72 22.05 25.43 18.61
N LEU A 73 20.95 26.20 18.68
CA LEU A 73 21.01 27.62 18.97
C LEU A 73 21.12 27.82 20.49
N PRO A 74 22.15 28.54 21.00
CA PRO A 74 22.19 28.90 22.43
C PRO A 74 20.84 29.41 22.93
N ILE A 75 20.16 28.59 23.74
CA ILE A 75 18.76 28.79 24.09
C ILE A 75 18.63 30.10 24.89
N ASP A 76 17.53 30.83 24.61
CA ASP A 76 17.30 32.19 25.07
C ASP A 76 18.34 33.14 24.46
N THR A 77 18.54 33.03 23.14
CA THR A 77 19.31 34.01 22.39
C THR A 77 18.62 34.27 21.06
N THR A 79 18.46 35.61 16.81
CA THR A 79 19.24 35.78 15.56
C THR A 79 18.41 36.52 14.52
N GLU A 80 19.11 37.16 13.58
CA GLU A 80 18.51 38.08 12.62
C GLU A 80 18.15 37.36 11.32
N ASP A 81 17.99 36.04 11.39
CA ASP A 81 17.42 35.28 10.28
C ASP A 81 15.91 35.46 10.31
N ILE A 82 15.44 36.43 9.53
CA ILE A 82 14.02 36.65 9.29
C ILE A 82 13.53 35.57 8.33
N VAL A 83 12.35 35.01 8.65
CA VAL A 83 11.73 33.98 7.83
C VAL A 83 10.25 34.33 7.69
N GLY A 84 9.60 33.64 6.76
CA GLY A 84 8.14 33.59 6.69
C GLY A 84 7.68 32.14 6.73
N VAL A 85 6.97 31.78 7.81
CA VAL A 85 6.57 30.40 8.01
C VAL A 85 5.05 30.34 8.02
N ALA A 86 4.53 29.13 7.86
CA ALA A 86 3.10 28.86 8.03
C ALA A 86 2.96 27.52 8.74
N GLY A 87 1.75 27.23 9.22
CA GLY A 87 1.52 26.06 10.04
C GLY A 87 0.16 26.07 10.74
N ARG A 88 -0.25 24.89 11.22
CA ARG A 88 -1.50 24.75 11.93
C ARG A 88 -1.25 24.95 13.42
N VAL A 89 -2.01 25.87 14.02
CA VAL A 89 -1.95 26.10 15.45
C VAL A 89 -2.60 24.91 16.17
N ILE A 90 -1.76 24.12 16.83
CA ILE A 90 -2.20 22.91 17.51
C ILE A 90 -2.16 23.11 19.03
N PHE A 91 -1.46 24.16 19.49
CA PHE A 91 -1.38 24.48 20.91
C PHE A 91 -1.34 25.99 21.07
N ALA A 92 -2.27 26.53 21.87
CA ALA A 92 -2.27 27.94 22.22
C ALA A 92 -2.03 28.11 23.73
N ARG A 93 -1.35 29.21 24.09
CA ARG A 93 -1.11 29.58 25.48
C ARG A 93 -0.92 31.10 25.56
N ASN A 94 -1.97 31.79 26.02
CA ASN A 94 -2.08 33.25 25.95
C ASN A 94 -1.76 33.84 27.32
N SER A 95 -1.22 35.07 27.33
CA SER A 95 -0.65 35.62 28.56
C SER A 95 -0.46 37.14 28.47
N GLY A 96 -1.58 37.89 28.44
CA GLY A 96 -1.57 39.32 28.62
C GLY A 96 -0.88 40.08 27.49
N LYS A 97 0.43 40.27 27.61
CA LYS A 97 1.24 40.98 26.62
C LYS A 97 1.76 40.02 25.55
N LEU A 98 1.87 38.72 25.87
CA LEU A 98 2.52 37.77 24.97
C LEU A 98 1.76 36.44 24.95
N CYS A 99 1.44 35.99 23.73
CA CYS A 99 0.85 34.68 23.47
C CYS A 99 1.91 33.77 22.85
N PHE A 100 1.83 32.46 23.17
CA PHE A 100 2.65 31.46 22.50
C PHE A 100 1.74 30.43 21.87
N ALA A 101 2.14 29.94 20.70
CA ALA A 101 1.43 28.87 20.02
C ALA A 101 2.44 27.87 19.45
N THR A 102 1.97 26.64 19.25
CA THR A 102 2.72 25.68 18.48
C THR A 102 2.16 25.66 17.07
N LEU A 103 3.04 25.95 16.11
CA LEU A 103 2.79 25.73 14.69
C LEU A 103 3.34 24.35 14.37
N GLN A 104 2.47 23.50 13.85
CA GLN A 104 2.89 22.19 13.35
C GLN A 104 2.71 22.21 11.84
N ASP A 105 3.85 22.08 11.12
CA ASP A 105 3.82 21.93 9.68
C ASP A 105 3.07 20.64 9.40
N GLY A 106 2.74 20.37 8.13
CA GLY A 106 1.88 19.25 7.79
C GLY A 106 2.53 17.89 8.08
N ASP A 107 3.87 17.85 8.04
CA ASP A 107 4.64 16.63 8.19
C ASP A 107 4.92 16.33 9.66
N GLY A 108 4.46 17.21 10.55
CA GLY A 108 4.62 17.02 11.98
C GLY A 108 5.60 18.01 12.61
N THR A 109 6.56 18.51 11.82
CA THR A 109 7.63 19.34 12.36
C THR A 109 6.99 20.53 13.08
N GLN A 110 7.61 20.94 14.19
CA GLN A 110 7.04 21.94 15.07
C GLN A 110 8.00 23.13 15.22
N LEU A 111 7.42 24.32 15.10
CA LEU A 111 8.06 25.56 15.53
C LEU A 111 7.07 26.32 16.41
N GLN A 112 7.55 26.82 17.55
CA GLN A 112 6.72 27.67 18.39
C GLN A 112 6.83 29.10 17.85
N VAL A 113 5.72 29.85 17.93
CA VAL A 113 5.70 31.28 17.63
C VAL A 113 5.38 32.05 18.91
N MET A 114 5.82 33.32 18.99
CA MET A 114 5.46 34.21 20.09
C MET A 114 4.89 35.52 19.53
N ILE A 115 3.57 35.69 19.71
CA ILE A 115 2.85 36.89 19.29
C ILE A 115 2.97 37.95 20.40
N ASP A 118 4.89 43.99 21.88
CA ASP A 118 5.98 45.00 21.72
C ASP A 118 6.51 45.05 20.29
N LYS A 119 6.50 43.91 19.58
CA LYS A 119 7.21 43.79 18.32
C LYS A 119 6.40 44.33 17.14
N VAL A 120 5.06 44.19 17.16
CA VAL A 120 4.15 44.98 16.33
C VAL A 120 2.70 44.67 16.73
N GLY A 121 1.97 45.71 17.16
CA GLY A 121 0.52 45.67 17.24
C GLY A 121 -0.02 45.24 18.59
N GLN A 122 -0.69 46.17 19.28
CA GLN A 122 -1.65 45.88 20.35
C GLN A 122 -2.93 45.34 19.72
N ALA A 123 -3.40 46.03 18.66
CA ALA A 123 -4.49 45.55 17.82
C ALA A 123 -4.21 44.13 17.32
N ALA A 124 -2.96 43.89 16.92
CA ALA A 124 -2.51 42.60 16.44
C ALA A 124 -2.72 41.51 17.50
N LEU A 125 -2.37 41.82 18.76
CA LEU A 125 -2.46 40.87 19.86
C LEU A 125 -3.92 40.59 20.20
N ASP A 126 -4.78 41.61 20.02
CA ASP A 126 -6.21 41.50 20.29
C ASP A 126 -6.85 40.61 19.24
N ALA A 127 -6.52 40.88 17.97
CA ALA A 127 -6.94 40.06 16.84
C ALA A 127 -6.52 38.61 17.07
N TRP A 128 -5.23 38.40 17.35
CA TRP A 128 -4.72 37.07 17.64
C TRP A 128 -5.67 36.33 18.57
N LYS A 129 -5.96 36.97 19.72
CA LYS A 129 -6.72 36.37 20.80
C LYS A 129 -8.17 36.09 20.39
N ALA A 130 -8.79 37.02 19.66
CA ALA A 130 -10.20 36.92 19.30
C ALA A 130 -10.39 36.08 18.03
N ASP A 131 -9.36 36.01 17.18
CA ASP A 131 -9.49 35.49 15.83
C ASP A 131 -8.95 34.05 15.72
N VAL A 132 -7.83 33.75 16.40
CA VAL A 132 -7.13 32.48 16.21
C VAL A 132 -7.69 31.41 17.15
N ASP A 133 -8.05 30.26 16.58
CA ASP A 133 -8.48 29.08 17.33
C ASP A 133 -7.54 27.91 17.00
N LEU A 134 -7.74 26.77 17.67
CA LEU A 134 -6.95 25.57 17.44
C LEU A 134 -7.41 24.85 16.18
N GLY A 135 -6.44 24.46 15.33
CA GLY A 135 -6.72 23.82 14.06
C GLY A 135 -6.70 24.83 12.92
N ASP A 136 -6.43 26.10 13.24
CA ASP A 136 -6.31 27.16 12.25
C ASP A 136 -4.91 27.14 11.66
N ILE A 137 -4.85 27.36 10.34
CA ILE A 137 -3.59 27.52 9.64
C ILE A 137 -3.24 29.00 9.70
N VAL A 138 -1.98 29.30 10.06
CA VAL A 138 -1.53 30.65 10.36
C VAL A 138 -0.15 30.90 9.76
N TYR A 139 0.05 32.05 9.12
CA TYR A 139 1.36 32.49 8.64
C TYR A 139 1.90 33.55 9.57
N VAL A 140 3.20 33.48 9.90
CA VAL A 140 3.88 34.48 10.71
C VAL A 140 5.27 34.75 10.14
N HIS A 141 5.64 36.04 10.15
CA HIS A 141 6.88 36.55 9.56
C HIS A 141 7.66 37.32 10.62
N GLY A 142 8.92 36.94 10.85
CA GLY A 142 9.72 37.60 11.88
C GLY A 142 11.07 36.95 12.07
N ALA A 143 11.63 37.16 13.27
CA ALA A 143 12.98 36.71 13.62
C ALA A 143 12.90 35.32 14.26
N VAL A 144 13.93 34.51 14.02
CA VAL A 144 14.02 33.20 14.67
C VAL A 144 14.84 33.35 15.94
N ILE A 145 14.30 32.83 17.06
CA ILE A 145 14.90 32.92 18.39
C ILE A 145 14.65 31.60 19.12
N SER A 146 15.32 31.42 20.26
CA SER A 146 15.11 30.29 21.16
C SER A 146 14.55 30.78 22.50
N SER A 147 13.49 30.14 23.00
CA SER A 147 12.85 30.57 24.24
C SER A 147 13.65 30.09 25.45
N ARG A 148 13.24 30.56 26.64
CA ARG A 148 13.94 30.27 27.88
C ARG A 148 14.11 28.74 28.08
N GLU A 151 13.41 25.99 23.33
CA GLU A 151 12.38 25.67 22.29
C GLU A 151 12.47 26.70 21.16
N LEU A 152 12.61 26.20 19.92
CA LEU A 152 12.86 27.05 18.76
C LEU A 152 11.56 27.76 18.36
N SER A 153 11.64 29.09 18.29
CA SER A 153 10.48 29.93 18.14
C SER A 153 10.77 31.02 17.11
N VAL A 154 9.71 31.54 16.47
CA VAL A 154 9.78 32.76 15.68
C VAL A 154 8.95 33.83 16.40
N LEU A 155 9.56 34.99 16.64
CA LEU A 155 8.93 36.14 17.27
C LEU A 155 8.52 37.12 16.17
N ALA A 156 7.23 37.44 16.14
CA ALA A 156 6.54 37.87 14.93
C ALA A 156 6.63 39.38 14.71
N ASP A 157 7.02 39.78 13.48
CA ASP A 157 6.79 41.12 12.95
C ASP A 157 5.33 41.22 12.51
N CYS A 158 4.94 40.25 11.67
CA CYS A 158 3.62 40.17 11.06
C CYS A 158 2.96 38.86 11.45
N TRP A 159 1.65 38.74 11.17
CA TRP A 159 0.97 37.46 11.16
C TRP A 159 -0.36 37.61 10.43
N ARG A 160 -0.92 36.47 10.00
CA ARG A 160 -2.09 36.45 9.16
C ARG A 160 -2.71 35.06 9.22
N ILE A 161 -4.05 34.97 9.16
CA ILE A 161 -4.71 33.69 8.98
C ILE A 161 -4.57 33.26 7.51
N ALA A 162 -4.07 32.04 7.31
CA ALA A 162 -4.00 31.43 5.99
C ALA A 162 -5.26 30.62 5.73
N ALA A 163 -5.80 30.02 6.78
CA ALA A 163 -7.07 29.30 6.69
C ALA A 163 -7.75 29.24 8.05
N LYS A 164 -9.07 29.41 8.02
CA LYS A 164 -9.91 29.36 9.21
C LYS A 164 -10.59 27.99 9.26
N SER A 165 -10.35 27.27 10.37
CA SER A 165 -10.96 25.96 10.60
C SER A 165 -12.31 26.11 11.29
N LEU A 166 -13.36 25.64 10.62
CA LEU A 166 -14.72 25.69 11.14
C LEU A 166 -15.03 24.39 11.90
N ARG A 167 -13.98 23.70 12.37
CA ARG A 167 -14.13 22.47 13.12
C ARG A 167 -12.88 22.26 13.98
N PRO A 168 -13.03 22.09 15.32
CA PRO A 168 -11.89 21.82 16.18
C PRO A 168 -11.39 20.41 15.90
N LEU A 169 -10.11 20.18 16.22
CA LEU A 169 -9.53 18.85 16.15
C LEU A 169 -10.07 18.05 17.33
N PRO A 170 -10.34 16.73 17.19
CA PRO A 170 -10.59 15.89 18.36
C PRO A 170 -9.32 15.89 19.21
N VAL A 171 -9.48 15.80 20.54
CA VAL A 171 -8.33 15.79 21.44
C VAL A 171 -7.47 14.56 21.14
N ALA A 172 -8.09 13.53 20.53
CA ALA A 172 -7.42 12.35 20.01
C ALA A 172 -7.06 11.37 21.12
N HIS A 173 -7.57 11.64 22.33
CA HIS A 173 -7.37 10.74 23.46
C HIS A 173 -8.60 10.81 24.37
N LYS A 174 -9.67 10.06 24.05
CA LYS A 174 -10.47 10.19 22.84
C LYS A 174 -9.84 9.47 21.65
N GLU A 175 -8.95 8.53 21.94
CA GLU A 175 -8.27 7.76 20.90
C GLU A 175 -9.27 7.52 19.78
N MET A 176 -9.10 8.23 18.66
CA MET A 176 -9.97 8.04 17.51
C MET A 176 -10.12 6.54 17.27
N SER A 177 -11.37 6.06 17.31
CA SER A 177 -11.68 4.67 16.99
C SER A 177 -11.12 4.33 15.61
N GLU A 178 -10.86 3.03 15.36
CA GLU A 178 -10.20 2.59 14.14
C GLU A 178 -11.00 3.02 12.92
N GLU A 179 -12.34 3.01 13.02
CA GLU A 179 -13.22 3.24 11.88
C GLU A 179 -13.67 4.70 11.81
N SER A 180 -13.19 5.55 12.72
CA SER A 180 -13.33 6.99 12.58
C SER A 180 -12.02 7.60 12.05
N ARG A 181 -10.92 6.89 12.28
CA ARG A 181 -9.60 7.26 11.77
C ARG A 181 -9.52 7.03 10.26
N VAL A 182 -10.26 6.02 9.79
CA VAL A 182 -10.21 5.62 8.40
C VAL A 182 -11.21 6.42 7.58
N ARG A 183 -12.34 6.79 8.21
CA ARG A 183 -13.41 7.55 7.58
C ARG A 183 -13.07 9.04 7.55
N GLN A 184 -12.12 9.45 8.40
CA GLN A 184 -11.60 10.82 8.41
C GLN A 184 -10.08 10.80 8.49
N ARG A 185 -9.45 10.30 7.41
CA ARG A 185 -8.01 10.12 7.36
C ARG A 185 -7.29 11.46 7.45
N TYR A 186 -7.93 12.48 6.88
CA TYR A 186 -7.38 13.84 6.90
C TYR A 186 -7.17 14.29 8.35
N VAL A 187 -8.11 13.98 9.26
CA VAL A 187 -7.97 14.42 10.64
C VAL A 187 -6.90 13.56 11.30
N ASP A 188 -6.94 12.25 11.00
CA ASP A 188 -5.99 11.27 11.52
C ASP A 188 -4.58 11.77 11.32
N LEU A 189 -4.26 12.12 10.06
CA LEU A 189 -2.94 12.57 9.67
C LEU A 189 -2.54 13.85 10.41
N ILE A 190 -3.52 14.69 10.75
CA ILE A 190 -3.25 15.91 11.49
C ILE A 190 -2.88 15.59 12.93
N VAL A 191 -3.55 14.60 13.54
CA VAL A 191 -3.58 14.50 14.99
C VAL A 191 -2.64 13.40 15.50
N ARG A 192 -2.35 12.38 14.67
CA ARG A 192 -1.67 11.17 15.10
C ARG A 192 -0.40 10.95 14.29
N PRO A 193 0.81 11.15 14.88
CA PRO A 193 2.08 11.07 14.14
C PRO A 193 2.27 9.82 13.30
N GLU A 194 1.86 8.68 13.87
CA GLU A 194 2.04 7.37 13.26
C GLU A 194 1.28 7.28 11.93
N ALA A 195 0.12 7.98 11.85
CA ALA A 195 -0.64 8.06 10.62
C ALA A 195 0.21 8.73 9.54
N ARG A 196 0.93 9.78 9.96
CA ARG A 196 1.84 10.50 9.08
C ARG A 196 2.95 9.58 8.58
N ALA A 197 3.52 8.76 9.47
CA ALA A 197 4.70 7.96 9.17
C ALA A 197 4.37 6.81 8.21
N VAL A 198 3.26 6.11 8.50
CA VAL A 198 2.71 5.03 7.69
C VAL A 198 2.38 5.51 6.28
N ALA A 199 1.64 6.62 6.17
CA ALA A 199 1.35 7.19 4.86
C ALA A 199 2.65 7.33 4.06
N ARG A 200 3.66 7.90 4.71
CA ARG A 200 4.91 8.24 4.06
C ARG A 200 5.72 6.98 3.77
N LEU A 201 5.54 5.93 4.60
CA LEU A 201 6.19 4.65 4.40
C LEU A 201 5.69 3.97 3.11
N ARG A 202 4.38 3.75 2.99
CA ARG A 202 3.81 3.15 1.79
C ARG A 202 4.39 3.79 0.55
N ILE A 203 4.46 5.13 0.59
CA ILE A 203 4.91 5.97 -0.51
C ILE A 203 6.38 5.67 -0.83
N ALA A 204 7.16 5.52 0.24
CA ALA A 204 8.58 5.20 0.13
C ALA A 204 8.74 3.79 -0.44
N VAL A 205 7.88 2.87 0.03
CA VAL A 205 7.96 1.47 -0.32
C VAL A 205 7.70 1.35 -1.83
N VAL A 206 6.67 2.07 -2.31
CA VAL A 206 6.23 1.98 -3.69
C VAL A 206 7.31 2.55 -4.60
N ARG A 207 7.98 3.60 -4.15
CA ARG A 207 9.05 4.21 -4.91
C ARG A 207 10.26 3.27 -4.90
N ALA A 208 10.53 2.68 -3.74
CA ALA A 208 11.61 1.71 -3.63
C ALA A 208 11.45 0.62 -4.69
N ILE A 209 10.19 0.22 -4.95
CA ILE A 209 9.88 -0.90 -5.82
C ILE A 209 10.21 -0.51 -7.25
N ARG A 210 9.71 0.68 -7.65
CA ARG A 210 9.94 1.23 -8.97
C ARG A 210 11.43 1.45 -9.21
N THR A 211 12.16 1.89 -8.20
CA THR A 211 13.59 2.12 -8.34
C THR A 211 14.25 0.78 -8.67
N ALA A 212 13.96 -0.23 -7.84
CA ALA A 212 14.56 -1.56 -7.91
C ALA A 212 14.34 -2.21 -9.28
N LEU A 213 13.07 -2.25 -9.71
CA LEU A 213 12.71 -2.79 -11.01
C LEU A 213 13.36 -1.99 -12.13
N GLN A 214 13.36 -0.66 -12.03
CA GLN A 214 13.96 0.16 -13.09
C GLN A 214 15.46 -0.08 -13.17
N ARG A 215 16.12 -0.19 -12.01
CA ARG A 215 17.54 -0.49 -11.96
C ARG A 215 17.85 -1.76 -12.75
N ARG A 216 16.94 -2.76 -12.67
CA ARG A 216 17.12 -4.04 -13.35
C ARG A 216 16.64 -4.01 -14.81
N GLY A 217 16.18 -2.85 -15.29
CA GLY A 217 15.81 -2.70 -16.69
C GLY A 217 14.37 -3.09 -17.00
N PHE A 218 13.48 -3.02 -16.00
CA PHE A 218 12.06 -3.23 -16.23
C PHE A 218 11.40 -1.91 -16.65
N LEU A 219 10.47 -2.03 -17.61
CA LEU A 219 9.70 -0.89 -18.07
C LEU A 219 8.30 -1.00 -17.50
N GLU A 220 7.78 0.10 -16.96
CA GLU A 220 6.44 0.09 -16.40
C GLU A 220 5.46 0.42 -17.52
N VAL A 221 4.39 -0.38 -17.65
CA VAL A 221 3.42 -0.18 -18.70
C VAL A 221 2.05 0.06 -18.05
N GLU A 222 1.15 0.69 -18.81
CA GLU A 222 -0.25 0.84 -18.46
C GLU A 222 -1.10 -0.06 -19.36
N THR A 223 -1.85 -0.98 -18.73
CA THR A 223 -2.77 -1.89 -19.41
C THR A 223 -4.19 -1.64 -18.93
N PRO A 224 -5.23 -2.03 -19.70
CA PRO A 224 -6.59 -1.51 -19.48
C PRO A 224 -7.16 -1.93 -18.13
N VAL A 225 -7.94 -1.04 -17.50
CA VAL A 225 -8.71 -1.35 -16.32
C VAL A 225 -10.09 -1.83 -16.75
N LEU A 226 -10.67 -1.21 -17.79
CA LEU A 226 -11.96 -1.66 -18.31
C LEU A 226 -11.72 -2.69 -19.40
N GLN A 227 -12.31 -3.89 -19.23
CA GLN A 227 -12.09 -5.05 -20.08
C GLN A 227 -13.44 -5.66 -20.45
N THR A 228 -13.50 -6.30 -21.64
CA THR A 228 -14.72 -6.91 -22.15
C THR A 228 -14.94 -8.25 -21.46
N LEU A 229 -13.86 -8.83 -20.91
CA LEU A 229 -13.95 -9.95 -19.98
C LEU A 229 -12.65 -10.03 -19.19
N ALA A 230 -12.76 -10.16 -17.86
CA ALA A 230 -11.64 -9.96 -16.95
C ALA A 230 -11.01 -11.30 -16.57
N GLY A 231 -9.71 -11.44 -16.89
CA GLY A 231 -8.94 -12.64 -16.62
C GLY A 231 -7.68 -12.34 -15.84
N GLY A 232 -6.80 -13.36 -15.70
CA GLY A 232 -5.53 -13.26 -15.01
C GLY A 232 -5.61 -13.65 -13.52
N ALA A 233 -6.78 -14.15 -13.08
CA ALA A 233 -6.95 -14.59 -11.70
C ALA A 233 -8.32 -15.24 -11.51
N ALA A 234 -8.52 -15.91 -10.37
CA ALA A 234 -9.81 -16.38 -9.94
C ALA A 234 -10.49 -15.31 -9.08
N ALA A 235 -11.61 -14.75 -9.56
CA ALA A 235 -12.44 -13.84 -8.78
C ALA A 235 -13.64 -13.38 -9.59
N ARG A 236 -14.73 -13.01 -8.90
CA ARG A 236 -15.89 -12.38 -9.52
C ARG A 236 -15.55 -10.92 -9.85
N PRO A 237 -15.87 -10.41 -11.05
CA PRO A 237 -15.53 -9.04 -11.44
C PRO A 237 -16.53 -8.01 -10.94
N PHE A 238 -16.09 -6.75 -10.94
CA PHE A 238 -17.01 -5.62 -10.96
C PHE A 238 -17.43 -5.37 -12.40
N ALA A 239 -18.75 -5.21 -12.60
CA ALA A 239 -19.33 -4.92 -13.90
C ALA A 239 -19.91 -3.50 -13.89
N THR A 240 -19.70 -2.80 -15.01
CA THR A 240 -20.19 -1.44 -15.20
C THR A 240 -20.69 -1.35 -16.64
N HIS A 241 -21.79 -0.62 -16.83
CA HIS A 241 -22.37 -0.44 -18.16
C HIS A 241 -21.74 0.78 -18.81
N SER A 242 -21.36 0.63 -20.09
CA SER A 242 -20.89 1.72 -20.92
C SER A 242 -22.05 2.38 -21.68
N ASN A 243 -22.04 3.72 -21.70
CA ASN A 243 -23.00 4.52 -22.46
C ASN A 243 -22.57 4.58 -23.92
N ALA A 244 -21.26 4.70 -24.13
CA ALA A 244 -20.67 4.79 -25.45
C ALA A 244 -21.02 3.55 -26.28
N LEU A 245 -20.93 2.37 -25.65
CA LEU A 245 -20.95 1.10 -26.36
C LEU A 245 -22.20 0.28 -26.05
N ASP A 246 -23.08 0.78 -25.19
CA ASP A 246 -24.28 0.09 -24.76
C ASP A 246 -23.98 -1.39 -24.48
N ILE A 247 -22.96 -1.65 -23.64
CA ILE A 247 -22.58 -2.99 -23.24
C ILE A 247 -21.98 -2.93 -21.84
N ASP A 248 -21.95 -4.07 -21.14
CA ASP A 248 -21.24 -4.18 -19.88
C ASP A 248 -19.72 -4.23 -20.13
N LEU A 249 -18.96 -3.61 -19.24
CA LEU A 249 -17.51 -3.76 -19.16
C LEU A 249 -17.15 -4.21 -17.75
N TYR A 250 -15.96 -4.82 -17.62
CA TYR A 250 -15.59 -5.49 -16.38
C TYR A 250 -14.25 -4.94 -15.92
N LEU A 251 -14.20 -4.46 -14.68
CA LEU A 251 -12.98 -3.94 -14.09
C LEU A 251 -12.01 -5.09 -13.91
N ARG A 252 -10.73 -4.83 -14.21
CA ARG A 252 -9.73 -5.90 -14.22
C ARG A 252 -9.58 -6.49 -12.82
N ILE A 253 -9.45 -7.82 -12.80
CA ILE A 253 -9.07 -8.57 -11.61
C ILE A 253 -7.54 -8.70 -11.58
N ALA A 254 -6.91 -8.64 -12.76
CA ALA A 254 -5.46 -8.70 -12.85
C ALA A 254 -4.95 -8.34 -14.25
N PRO A 255 -3.77 -7.68 -14.36
CA PRO A 255 -3.17 -7.28 -15.64
C PRO A 255 -2.44 -8.36 -16.45
N GLU A 256 -2.40 -9.59 -15.93
CA GLU A 256 -1.54 -10.64 -16.42
C GLU A 256 -1.73 -10.87 -17.92
N LEU A 257 -2.98 -11.02 -18.38
CA LEU A 257 -3.22 -11.41 -19.75
C LEU A 257 -2.70 -10.33 -20.70
N PHE A 258 -2.88 -9.06 -20.31
CA PHE A 258 -2.41 -7.96 -21.12
C PHE A 258 -0.89 -7.83 -21.00
N LEU A 259 -0.36 -7.97 -19.78
CA LEU A 259 1.08 -7.92 -19.61
C LEU A 259 1.73 -8.99 -20.49
N LYS A 260 1.09 -10.17 -20.59
CA LYS A 260 1.58 -11.23 -21.45
C LYS A 260 1.59 -10.77 -22.92
N ARG A 261 0.47 -10.20 -23.39
CA ARG A 261 0.39 -9.61 -24.71
C ARG A 261 1.62 -8.74 -24.98
N CYS A 262 2.13 -8.04 -23.96
CA CYS A 262 3.25 -7.12 -24.13
C CYS A 262 4.55 -7.87 -24.38
N ILE A 263 4.67 -9.06 -23.77
CA ILE A 263 5.83 -9.91 -23.93
C ILE A 263 5.85 -10.47 -25.36
N VAL A 264 4.70 -11.00 -25.81
CA VAL A 264 4.51 -11.37 -27.20
C VAL A 264 5.01 -10.20 -28.05
N GLY A 265 4.60 -8.99 -27.65
CA GLY A 265 4.84 -7.77 -28.41
C GLY A 265 6.34 -7.42 -28.49
N GLY A 266 7.15 -8.08 -27.67
CA GLY A 266 8.60 -7.89 -27.73
C GLY A 266 9.17 -7.20 -26.49
N PHE A 267 8.32 -6.86 -25.52
CA PHE A 267 8.86 -6.40 -24.26
C PHE A 267 9.71 -7.53 -23.68
N ASP A 268 10.93 -7.15 -23.28
CA ASP A 268 11.85 -8.02 -22.57
C ASP A 268 11.47 -8.06 -21.08
N LYS A 269 11.28 -6.89 -20.45
CA LYS A 269 10.99 -6.82 -19.03
C LYS A 269 9.97 -5.72 -18.74
N VAL A 270 8.80 -6.12 -18.23
CA VAL A 270 7.71 -5.19 -18.01
C VAL A 270 7.13 -5.43 -16.62
N PHE A 271 6.67 -4.35 -15.97
CA PHE A 271 5.93 -4.47 -14.73
C PHE A 271 4.79 -3.45 -14.74
N GLU A 272 3.80 -3.68 -13.88
CA GLU A 272 2.67 -2.77 -13.73
C GLU A 272 2.24 -2.77 -12.27
N LEU A 273 2.38 -1.60 -11.62
CA LEU A 273 2.04 -1.38 -10.21
C LEU A 273 0.84 -0.47 -10.12
N ASN A 274 -0.32 -1.01 -9.69
CA ASN A 274 -1.59 -0.34 -9.87
C ASN A 274 -2.73 -1.19 -9.31
N ARG A 275 -3.94 -0.62 -9.29
CA ARG A 275 -5.10 -1.21 -8.65
C ARG A 275 -5.68 -2.35 -9.48
N VAL A 276 -6.17 -3.38 -8.77
CA VAL A 276 -7.02 -4.41 -9.37
C VAL A 276 -8.28 -4.55 -8.52
N PHE A 277 -9.32 -5.15 -9.09
CA PHE A 277 -10.65 -5.10 -8.49
C PHE A 277 -11.27 -6.49 -8.53
N ARG A 278 -11.50 -7.03 -7.32
CA ARG A 278 -12.06 -8.36 -7.14
C ARG A 278 -13.35 -8.25 -6.32
N ASN A 279 -14.48 -8.54 -6.97
CA ASN A 279 -15.79 -8.26 -6.41
C ASN A 279 -16.17 -9.35 -5.42
N GLU A 280 -15.66 -9.21 -4.20
CA GLU A 280 -15.70 -10.27 -3.21
C GLU A 280 -15.60 -9.63 -1.83
N GLY A 281 -15.56 -10.47 -0.79
CA GLY A 281 -15.65 -10.00 0.58
C GLY A 281 -14.35 -9.36 1.06
N ALA A 282 -14.46 -8.60 2.15
CA ALA A 282 -13.30 -8.00 2.79
C ALA A 282 -12.95 -8.78 4.06
N ASP A 283 -11.63 -8.99 4.26
CA ASP A 283 -11.11 -9.57 5.49
C ASP A 283 -9.74 -8.93 5.77
N SER A 284 -8.96 -9.54 6.67
CA SER A 284 -7.75 -8.92 7.17
C SER A 284 -6.61 -9.00 6.14
N THR A 285 -6.80 -9.79 5.07
CA THR A 285 -5.81 -9.87 3.99
C THR A 285 -6.46 -9.58 2.64
N HIS A 286 -7.76 -9.21 2.62
CA HIS A 286 -8.49 -9.04 1.37
C HIS A 286 -9.38 -7.80 1.41
N SER A 287 -9.35 -7.02 0.31
CA SER A 287 -10.24 -5.89 0.09
C SER A 287 -10.57 -5.79 -1.40
N PRO A 288 -11.77 -5.31 -1.83
CA PRO A 288 -12.19 -5.42 -3.23
C PRO A 288 -11.36 -4.59 -4.21
N GLU A 289 -10.77 -3.52 -3.67
CA GLU A 289 -9.85 -2.68 -4.40
C GLU A 289 -8.52 -2.69 -3.67
N PHE A 290 -7.46 -3.06 -4.39
CA PHE A 290 -6.13 -2.95 -3.83
C PHE A 290 -5.09 -2.91 -4.94
N SER A 291 -3.93 -2.37 -4.56
CA SER A 291 -2.79 -2.16 -5.44
C SER A 291 -1.89 -3.39 -5.40
N MET A 292 -1.59 -3.93 -6.58
CA MET A 292 -0.76 -5.12 -6.69
C MET A 292 0.34 -4.84 -7.72
N LEU A 293 1.50 -5.48 -7.53
CA LEU A 293 2.60 -5.46 -8.48
C LEU A 293 2.58 -6.76 -9.28
N GLU A 294 2.70 -6.64 -10.61
CA GLU A 294 2.98 -7.78 -11.48
C GLU A 294 4.22 -7.45 -12.30
N THR A 295 4.93 -8.51 -12.71
CA THR A 295 6.30 -8.47 -13.20
C THR A 295 6.48 -9.59 -14.22
N TYR A 296 7.16 -9.35 -15.33
CA TYR A 296 7.33 -10.38 -16.34
C TYR A 296 8.68 -10.22 -17.00
N GLN A 297 9.43 -11.32 -17.06
CA GLN A 297 10.83 -11.31 -17.43
C GLN A 297 11.07 -12.45 -18.40
N THR A 298 11.47 -12.11 -19.64
CA THR A 298 11.70 -13.13 -20.67
C THR A 298 13.04 -13.84 -20.43
N TYR A 299 13.05 -15.16 -20.67
CA TYR A 299 14.24 -16.01 -20.66
C TYR A 299 14.75 -16.24 -19.24
N GLY A 300 13.80 -16.34 -18.30
CA GLY A 300 14.07 -16.89 -16.97
C GLY A 300 12.89 -17.76 -16.55
N THR A 301 13.06 -18.50 -15.45
CA THR A 301 12.04 -19.38 -14.91
C THR A 301 11.66 -18.93 -13.50
N TYR A 302 10.74 -19.68 -12.89
CA TYR A 302 10.28 -19.41 -11.54
C TYR A 302 11.45 -19.46 -10.55
N ASP A 303 12.52 -20.18 -10.89
CA ASP A 303 13.70 -20.17 -10.04
C ASP A 303 14.36 -18.78 -10.09
N ASP A 304 14.33 -18.14 -11.26
CA ASP A 304 14.98 -16.84 -11.41
C ASP A 304 14.17 -15.73 -10.72
N SER A 305 12.84 -15.79 -10.83
CA SER A 305 11.96 -14.75 -10.33
C SER A 305 11.80 -14.85 -8.80
N ALA A 306 12.07 -16.04 -8.27
CA ALA A 306 12.18 -16.24 -6.84
C ALA A 306 13.33 -15.39 -6.29
N VAL A 307 14.44 -15.35 -7.01
CA VAL A 307 15.62 -14.69 -6.50
C VAL A 307 15.34 -13.19 -6.51
N VAL A 308 14.76 -12.69 -7.61
CA VAL A 308 14.52 -11.26 -7.78
C VAL A 308 13.54 -10.82 -6.70
N THR A 309 12.50 -11.63 -6.45
CA THR A 309 11.47 -11.26 -5.48
C THR A 309 12.11 -11.06 -4.12
N ARG A 310 12.98 -12.00 -3.74
CA ARG A 310 13.70 -11.87 -2.49
C ARG A 310 14.45 -10.55 -2.50
N GLU A 311 15.37 -10.39 -3.47
CA GLU A 311 16.23 -9.22 -3.53
C GLU A 311 15.38 -7.95 -3.50
N LEU A 312 14.22 -8.03 -4.18
CA LEU A 312 13.32 -6.90 -4.33
C LEU A 312 12.81 -6.53 -2.95
N ILE A 313 12.29 -7.51 -2.23
CA ILE A 313 11.72 -7.29 -0.92
C ILE A 313 12.78 -6.80 0.05
N GLN A 314 13.98 -7.39 0.01
CA GLN A 314 15.08 -7.01 0.89
C GLN A 314 15.50 -5.58 0.57
N GLU A 315 15.53 -5.24 -0.73
CA GLU A 315 15.96 -3.92 -1.17
C GLU A 315 14.95 -2.86 -0.73
N VAL A 316 13.67 -3.23 -0.65
CA VAL A 316 12.61 -2.35 -0.18
C VAL A 316 12.80 -2.07 1.30
N ALA A 317 12.96 -3.13 2.08
CA ALA A 317 13.17 -2.96 3.51
C ALA A 317 14.30 -1.94 3.74
N ASP A 318 15.44 -2.17 3.10
CA ASP A 318 16.62 -1.32 3.20
C ASP A 318 16.31 0.15 2.91
N GLU A 319 15.60 0.42 1.81
CA GLU A 319 15.35 1.79 1.37
C GLU A 319 14.34 2.47 2.30
N ALA A 320 13.26 1.76 2.63
CA ALA A 320 12.08 2.38 3.21
C ALA A 320 12.09 2.27 4.73
N ILE A 321 12.63 1.16 5.26
CA ILE A 321 12.55 0.86 6.69
C ILE A 321 13.94 1.01 7.33
N GLY A 322 15.00 0.63 6.59
CA GLY A 322 16.36 0.92 7.01
C GLY A 322 17.05 -0.27 7.66
N THR A 323 16.28 -1.34 7.93
CA THR A 323 16.81 -2.56 8.53
C THR A 323 16.08 -3.77 7.95
N ARG A 324 16.71 -4.95 8.10
CA ARG A 324 16.07 -6.22 7.75
C ARG A 324 15.78 -7.03 9.02
N GLN A 325 16.16 -6.49 10.19
CA GLN A 325 15.65 -6.98 11.46
C GLN A 325 14.41 -6.15 11.78
N LEU A 326 13.26 -6.64 11.32
CA LEU A 326 12.04 -5.85 11.31
C LEU A 326 11.43 -5.76 12.71
N PRO A 327 11.26 -4.53 13.25
CA PRO A 327 10.56 -4.34 14.52
C PRO A 327 9.05 -4.50 14.33
N LEU A 328 8.39 -5.15 15.28
CA LEU A 328 6.96 -5.40 15.20
C LEU A 328 6.22 -4.86 16.43
N PRO A 329 4.92 -4.52 16.26
CA PRO A 329 4.12 -3.99 17.37
C PRO A 329 4.01 -5.01 18.51
N ASP A 330 4.06 -6.28 18.11
CA ASP A 330 4.37 -7.40 19.00
C ASP A 330 5.38 -6.96 20.07
N GLY A 331 6.37 -6.15 19.68
CA GLY A 331 7.56 -5.92 20.47
C GLY A 331 8.69 -6.86 20.03
N SER A 332 8.40 -7.71 19.03
CA SER A 332 9.35 -8.68 18.51
C SER A 332 10.14 -8.07 17.34
N VAL A 333 11.11 -8.87 16.84
CA VAL A 333 11.91 -8.52 15.67
C VAL A 333 11.79 -9.67 14.68
N TYR A 334 11.50 -9.37 13.40
CA TYR A 334 11.41 -10.41 12.38
C TYR A 334 12.57 -10.24 11.40
N ASP A 335 13.45 -11.25 11.33
CA ASP A 335 14.62 -11.23 10.46
C ASP A 335 14.23 -11.70 9.06
N ILE A 336 14.41 -10.84 8.05
CA ILE A 336 14.19 -11.21 6.66
C ILE A 336 15.52 -11.19 5.89
N ASP A 337 16.66 -11.04 6.60
CA ASP A 337 17.95 -10.99 5.94
C ASP A 337 18.29 -12.39 5.46
N GLY A 338 19.38 -12.49 4.68
CA GLY A 338 19.96 -13.78 4.32
C GLY A 338 19.03 -14.54 3.37
N GLU A 339 19.36 -15.81 3.15
CA GLU A 339 18.69 -16.66 2.17
C GLU A 339 17.39 -17.19 2.76
N TRP A 340 16.43 -17.52 1.89
CA TRP A 340 15.13 -18.01 2.31
C TRP A 340 14.92 -19.43 1.78
N ALA A 341 14.28 -20.25 2.63
CA ALA A 341 14.14 -21.67 2.36
C ALA A 341 13.12 -21.85 1.26
N THR A 342 13.38 -22.86 0.41
CA THR A 342 12.42 -23.34 -0.57
C THR A 342 12.04 -24.78 -0.22
N ILE A 343 10.73 -25.04 -0.15
CA ILE A 343 10.20 -26.39 0.07
C ILE A 343 9.26 -26.70 -1.09
N GLN A 344 8.90 -27.99 -1.26
CA GLN A 344 7.97 -28.40 -2.31
C GLN A 344 6.65 -28.84 -1.68
N MET A 345 5.53 -28.59 -2.36
CA MET A 345 4.21 -28.71 -1.75
C MET A 345 3.88 -30.16 -1.43
N TYR A 346 3.92 -31.04 -2.44
CA TYR A 346 3.62 -32.45 -2.28
C TYR A 346 4.53 -33.11 -1.23
N PRO A 347 5.88 -33.06 -1.36
CA PRO A 347 6.77 -33.63 -0.33
C PRO A 347 6.58 -33.08 1.09
N SER A 348 6.52 -31.75 1.22
CA SER A 348 6.33 -31.13 2.53
C SER A 348 4.99 -31.56 3.12
N LEU A 349 3.96 -31.69 2.27
CA LEU A 349 2.67 -32.18 2.75
C LEU A 349 2.81 -33.63 3.22
N SER A 350 3.48 -34.45 2.41
CA SER A 350 3.71 -35.84 2.74
C SER A 350 4.32 -35.98 4.14
N VAL A 351 5.40 -35.23 4.41
CA VAL A 351 6.07 -35.28 5.70
C VAL A 351 5.09 -34.87 6.80
N ALA A 352 4.21 -33.91 6.53
CA ALA A 352 3.31 -33.42 7.55
C ALA A 352 2.24 -34.46 7.88
N LEU A 353 1.81 -35.23 6.87
CA LEU A 353 0.71 -36.17 6.98
C LEU A 353 1.20 -37.59 7.28
N GLY A 354 2.49 -37.86 7.07
CA GLY A 354 3.06 -39.16 7.37
C GLY A 354 2.83 -40.20 6.28
N GLU A 355 2.50 -39.76 5.05
CA GLU A 355 2.30 -40.68 3.94
C GLU A 355 2.65 -39.99 2.61
N GLU A 356 2.96 -40.79 1.60
CA GLU A 356 3.36 -40.26 0.30
C GLU A 356 2.13 -39.73 -0.41
N ILE A 357 2.08 -38.40 -0.59
CA ILE A 357 1.08 -37.73 -1.42
C ILE A 357 1.74 -37.32 -2.72
N THR A 358 1.07 -37.64 -3.84
CA THR A 358 1.57 -37.33 -5.17
C THR A 358 0.42 -36.80 -6.01
N PRO A 359 0.68 -36.28 -7.23
CA PRO A 359 -0.40 -36.01 -8.20
C PRO A 359 -1.34 -37.18 -8.50
N GLN A 360 -0.93 -38.39 -8.11
CA GLN A 360 -1.69 -39.62 -8.33
C GLN A 360 -2.64 -39.91 -7.18
N THR A 361 -2.43 -39.29 -6.02
CA THR A 361 -3.31 -39.48 -4.88
C THR A 361 -4.73 -39.03 -5.24
N THR A 362 -5.72 -39.91 -5.01
CA THR A 362 -7.09 -39.66 -5.43
C THR A 362 -7.77 -38.67 -4.49
N VAL A 363 -8.87 -38.11 -5.00
CA VAL A 363 -9.69 -37.17 -4.26
C VAL A 363 -10.39 -37.92 -3.12
N ASP A 364 -10.63 -39.23 -3.33
CA ASP A 364 -11.26 -40.03 -2.31
C ASP A 364 -10.32 -40.18 -1.11
N ARG A 365 -9.02 -40.34 -1.40
CA ARG A 365 -8.02 -40.47 -0.36
C ARG A 365 -7.86 -39.14 0.38
N LEU A 366 -7.78 -38.04 -0.38
CA LEU A 366 -7.55 -36.72 0.20
C LEU A 366 -8.73 -36.32 1.08
N ARG A 367 -9.95 -36.57 0.59
CA ARG A 367 -11.17 -36.30 1.32
C ARG A 367 -11.11 -36.98 2.70
N GLY A 368 -10.73 -38.25 2.69
CA GLY A 368 -10.61 -39.03 3.90
C GLY A 368 -9.67 -38.36 4.89
N ILE A 369 -8.45 -38.03 4.42
CA ILE A 369 -7.46 -37.39 5.27
C ILE A 369 -8.02 -36.07 5.78
N ALA A 370 -8.56 -35.25 4.87
CA ALA A 370 -9.13 -33.96 5.22
C ALA A 370 -10.13 -34.14 6.36
N ASP A 371 -11.02 -35.12 6.21
CA ASP A 371 -11.99 -35.44 7.23
C ASP A 371 -11.28 -35.73 8.55
N SER A 372 -10.41 -36.76 8.56
CA SER A 372 -9.81 -37.27 9.78
C SER A 372 -9.11 -36.18 10.59
N LEU A 373 -8.88 -35.00 9.99
CA LEU A 373 -8.29 -33.87 10.68
C LEU A 373 -9.36 -33.00 11.34
N GLY A 374 -10.28 -32.43 10.53
CA GLY A 374 -11.39 -31.64 11.04
C GLY A 374 -11.74 -30.47 10.12
N PHE A 387 -13.56 -29.73 -3.48
CA PHE A 387 -14.10 -30.26 -4.77
C PHE A 387 -13.10 -31.25 -5.36
N GLY A 388 -12.01 -30.74 -5.95
CA GLY A 388 -11.10 -31.52 -6.79
C GLY A 388 -9.76 -31.80 -6.12
N HIS A 389 -8.93 -32.63 -6.77
CA HIS A 389 -7.63 -33.02 -6.23
C HIS A 389 -6.84 -31.77 -5.84
N GLY A 390 -6.61 -30.88 -6.82
CA GLY A 390 -5.77 -29.71 -6.64
C GLY A 390 -6.17 -28.92 -5.40
N LYS A 391 -7.48 -28.61 -5.29
CA LYS A 391 -7.99 -27.76 -4.23
C LYS A 391 -7.74 -28.43 -2.88
N LEU A 392 -7.83 -29.76 -2.85
CA LEU A 392 -7.62 -30.50 -1.63
C LEU A 392 -6.15 -30.45 -1.19
N ILE A 393 -5.21 -30.59 -2.13
CA ILE A 393 -3.78 -30.57 -1.81
C ILE A 393 -3.39 -29.24 -1.15
N GLU A 394 -3.75 -28.12 -1.82
CA GLU A 394 -3.42 -26.78 -1.37
C GLU A 394 -3.98 -26.55 0.02
N GLU A 395 -5.21 -27.02 0.22
CA GLU A 395 -5.98 -26.82 1.43
C GLU A 395 -5.31 -27.57 2.59
N LEU A 396 -5.02 -28.85 2.35
CA LEU A 396 -4.32 -29.66 3.32
C LEU A 396 -2.95 -29.06 3.62
N TRP A 397 -2.27 -28.58 2.57
CA TRP A 397 -0.92 -28.06 2.73
C TRP A 397 -0.95 -26.84 3.63
N GLU A 398 -1.92 -25.96 3.42
CA GLU A 398 -2.05 -24.74 4.21
C GLU A 398 -2.40 -25.15 5.64
N ARG A 399 -3.39 -26.05 5.77
CA ARG A 399 -3.90 -26.42 7.09
C ARG A 399 -2.85 -27.16 7.90
N THR A 400 -1.75 -27.62 7.26
CA THR A 400 -0.73 -28.38 7.97
C THR A 400 0.59 -27.62 7.93
N VAL A 401 1.20 -27.52 6.75
CA VAL A 401 2.54 -26.98 6.61
C VAL A 401 2.52 -25.45 6.66
N GLY A 402 1.61 -24.84 5.88
CA GLY A 402 1.57 -23.40 5.71
C GLY A 402 1.50 -22.67 7.04
N LYS A 403 0.49 -23.01 7.83
CA LYS A 403 0.24 -22.39 9.12
C LYS A 403 1.43 -22.49 10.06
N SER A 404 2.27 -23.53 9.94
CA SER A 404 3.37 -23.75 10.86
C SER A 404 4.62 -22.92 10.53
N LEU A 405 4.69 -22.32 9.33
CA LEU A 405 5.87 -21.60 8.87
C LEU A 405 6.05 -20.29 9.64
N SER A 406 7.29 -19.99 10.01
CA SER A 406 7.64 -18.73 10.62
C SER A 406 8.54 -17.93 9.67
N ALA A 407 9.77 -18.42 9.48
CA ALA A 407 10.77 -17.77 8.65
C ALA A 407 10.24 -17.58 7.22
N PRO A 408 10.84 -16.65 6.43
CA PRO A 408 10.43 -16.48 5.04
C PRO A 408 10.73 -17.75 4.24
N THR A 409 9.75 -18.16 3.42
CA THR A 409 9.75 -19.48 2.81
C THR A 409 9.01 -19.43 1.49
N PHE A 410 9.64 -20.00 0.46
CA PHE A 410 8.95 -20.30 -0.79
C PHE A 410 8.43 -21.73 -0.75
N VAL A 411 7.16 -21.92 -1.10
CA VAL A 411 6.64 -23.23 -1.43
C VAL A 411 6.45 -23.31 -2.94
N LYS A 412 6.93 -24.40 -3.56
CA LYS A 412 6.89 -24.50 -5.01
C LYS A 412 6.42 -25.88 -5.47
N ASP A 413 6.12 -25.97 -6.77
CA ASP A 413 5.68 -27.17 -7.45
C ASP A 413 4.23 -27.47 -7.07
N PHE A 414 3.30 -26.85 -7.81
CA PHE A 414 1.90 -26.80 -7.42
C PHE A 414 1.07 -27.75 -8.28
N PRO A 415 -0.13 -28.15 -7.80
CA PRO A 415 -1.03 -29.00 -8.57
C PRO A 415 -1.49 -28.30 -9.86
N VAL A 416 -1.52 -29.06 -10.96
CA VAL A 416 -1.88 -28.52 -12.26
C VAL A 416 -3.30 -27.94 -12.25
N GLN A 417 -4.26 -28.62 -11.61
CA GLN A 417 -5.65 -28.19 -11.65
C GLN A 417 -5.76 -26.70 -11.31
N THR A 418 -5.15 -26.27 -10.19
CA THR A 418 -5.36 -24.95 -9.61
C THR A 418 -4.40 -23.90 -10.16
N THR A 419 -3.68 -24.20 -11.23
CA THR A 419 -2.70 -23.29 -11.77
C THR A 419 -2.84 -23.28 -13.31
N PRO A 420 -3.99 -22.80 -13.85
CA PRO A 420 -4.24 -22.86 -15.30
C PRO A 420 -3.30 -22.06 -16.20
N LEU A 421 -2.65 -21.03 -15.63
CA LEU A 421 -1.84 -20.10 -16.43
C LEU A 421 -0.35 -20.48 -16.39
N THR A 422 0.04 -21.34 -15.44
CA THR A 422 1.46 -21.59 -15.24
C THR A 422 1.84 -22.90 -15.93
N ARG A 423 3.06 -22.91 -16.49
CA ARG A 423 3.59 -24.04 -17.25
C ARG A 423 3.61 -25.31 -16.40
N GLN A 424 3.51 -26.47 -17.09
CA GLN A 424 3.74 -27.77 -16.48
C GLN A 424 5.24 -27.92 -16.12
N HIS A 425 5.53 -28.64 -15.03
CA HIS A 425 6.89 -28.73 -14.52
C HIS A 425 7.77 -29.40 -15.57
N ARG A 426 9.05 -29.02 -15.60
CA ARG A 426 9.97 -29.46 -16.64
C ARG A 426 10.26 -30.96 -16.57
N SER A 427 10.31 -31.54 -15.37
CA SER A 427 10.59 -32.96 -15.21
C SER A 427 9.47 -33.67 -14.45
N ILE A 428 9.04 -33.11 -13.31
CA ILE A 428 8.07 -33.76 -12.42
C ILE A 428 6.69 -33.80 -13.09
N PRO A 429 6.08 -34.98 -13.33
CA PRO A 429 4.71 -35.04 -13.85
C PRO A 429 3.67 -34.59 -12.83
N GLY A 430 2.60 -33.95 -13.32
CA GLY A 430 1.40 -33.64 -12.54
C GLY A 430 1.42 -32.27 -11.86
N VAL A 431 2.57 -31.57 -11.84
CA VAL A 431 2.71 -30.31 -11.10
C VAL A 431 3.11 -29.19 -12.06
N THR A 432 2.94 -27.93 -11.63
CA THR A 432 3.31 -26.75 -12.40
C THR A 432 4.43 -25.99 -11.69
N GLU A 433 5.19 -25.22 -12.47
CA GLU A 433 6.30 -24.44 -11.95
C GLU A 433 5.78 -23.12 -11.39
N LYS A 434 5.18 -23.19 -10.20
CA LYS A 434 4.71 -22.01 -9.49
C LYS A 434 5.29 -22.02 -8.09
N TRP A 435 5.67 -20.84 -7.57
CA TRP A 435 5.93 -20.70 -6.15
C TRP A 435 4.95 -19.70 -5.56
N ASP A 436 4.65 -19.89 -4.27
CA ASP A 436 4.11 -18.87 -3.40
C ASP A 436 5.19 -18.51 -2.38
N LEU A 437 5.23 -17.24 -1.96
CA LEU A 437 6.18 -16.77 -0.94
C LEU A 437 5.40 -16.45 0.33
N TYR A 438 5.73 -17.13 1.44
CA TYR A 438 5.15 -16.80 2.73
C TYR A 438 6.18 -16.04 3.56
N LEU A 439 5.81 -14.83 4.00
CA LEU A 439 6.63 -13.99 4.84
C LEU A 439 5.86 -13.60 6.09
N ARG A 440 6.40 -13.95 7.27
CA ARG A 440 5.78 -13.66 8.56
C ARG A 440 4.32 -14.11 8.53
N GLY A 441 4.08 -15.28 7.93
CA GLY A 441 2.77 -15.92 7.96
C GLY A 441 1.77 -15.33 6.99
N ILE A 442 2.21 -14.36 6.17
CA ILE A 442 1.33 -13.69 5.23
C ILE A 442 1.62 -14.19 3.83
N GLU A 443 0.57 -14.44 3.04
CA GLU A 443 0.75 -14.91 1.67
C GLU A 443 1.11 -13.73 0.75
N LEU A 444 2.41 -13.55 0.49
CA LEU A 444 2.93 -12.27 -0.02
C LEU A 444 2.84 -12.20 -1.55
N ALA A 445 3.29 -13.24 -2.24
CA ALA A 445 3.67 -13.15 -3.64
C ALA A 445 3.66 -14.54 -4.29
N THR A 446 3.44 -14.61 -5.60
CA THR A 446 3.59 -15.84 -6.39
C THR A 446 4.50 -15.54 -7.57
N GLY A 447 5.19 -16.57 -8.08
CA GLY A 447 5.81 -16.53 -9.39
C GLY A 447 5.55 -17.80 -10.20
N TYR A 448 5.44 -17.65 -11.53
CA TYR A 448 5.30 -18.78 -12.41
C TYR A 448 6.46 -18.80 -13.39
N SER A 449 6.81 -19.99 -13.91
CA SER A 449 7.34 -20.12 -15.25
C SER A 449 6.13 -20.18 -16.17
N GLU A 450 5.97 -19.18 -17.04
CA GLU A 450 4.69 -18.91 -17.69
C GLU A 450 4.40 -19.92 -18.80
N LEU A 451 3.16 -20.42 -18.81
CA LEU A 451 2.64 -21.25 -19.88
C LEU A 451 2.53 -20.43 -21.16
N SER A 452 3.35 -20.76 -22.16
CA SER A 452 3.29 -20.09 -23.45
C SER A 452 2.68 -20.99 -24.53
N ASP A 453 2.24 -22.20 -24.17
CA ASP A 453 1.72 -23.16 -25.14
C ASP A 453 0.23 -22.89 -25.35
N PRO A 454 -0.19 -22.39 -26.53
CA PRO A 454 -1.60 -22.00 -26.71
C PRO A 454 -2.58 -23.17 -26.66
N VAL A 455 -2.18 -24.34 -27.18
CA VAL A 455 -3.08 -25.47 -27.25
C VAL A 455 -3.36 -25.94 -25.83
N VAL A 456 -2.29 -26.15 -25.06
CA VAL A 456 -2.42 -26.52 -23.66
C VAL A 456 -3.23 -25.45 -22.94
N GLN A 457 -2.96 -24.17 -23.24
CA GLN A 457 -3.59 -23.09 -22.53
C GLN A 457 -5.08 -23.13 -22.85
N ARG A 458 -5.42 -23.45 -24.10
CA ARG A 458 -6.81 -23.54 -24.51
C ARG A 458 -7.54 -24.58 -23.65
N GLU A 459 -6.91 -25.75 -23.49
CA GLU A 459 -7.47 -26.83 -22.69
C GLU A 459 -7.72 -26.38 -21.26
N ARG A 460 -6.70 -25.74 -20.64
CA ARG A 460 -6.76 -25.33 -19.25
C ARG A 460 -8.02 -24.49 -19.02
N PHE A 461 -8.34 -23.61 -20.00
CA PHE A 461 -9.49 -22.72 -19.92
C PHE A 461 -10.78 -23.49 -20.19
N ALA A 462 -10.73 -24.48 -21.10
CA ALA A 462 -11.92 -25.26 -21.42
C ALA A 462 -12.38 -26.04 -20.19
N ASP A 463 -11.41 -26.58 -19.44
CA ASP A 463 -11.68 -27.24 -18.17
C ASP A 463 -12.31 -26.27 -17.18
N GLN A 464 -11.74 -25.05 -17.07
CA GLN A 464 -12.22 -24.04 -16.16
C GLN A 464 -13.67 -23.69 -16.47
N ALA A 465 -13.91 -23.35 -17.74
CA ALA A 465 -15.21 -22.89 -18.21
C ALA A 465 -16.28 -23.96 -17.97
N ARG A 466 -15.92 -25.24 -18.22
CA ARG A 466 -16.87 -26.34 -18.15
C ARG A 466 -17.23 -26.63 -16.69
N ALA A 467 -16.31 -26.29 -15.77
CA ALA A 467 -16.49 -26.48 -14.35
C ALA A 467 -17.63 -25.62 -13.81
N ALA A 468 -17.68 -24.34 -14.26
CA ALA A 468 -18.63 -23.36 -13.76
C ALA A 468 -19.73 -23.04 -14.79
N ALA A 469 -19.96 -23.96 -15.74
CA ALA A 469 -21.04 -23.83 -16.71
C ALA A 469 -22.37 -24.25 -16.07
N ALA A 470 -23.45 -23.55 -16.43
CA ALA A 470 -24.78 -23.82 -15.90
C ALA A 470 -25.72 -24.18 -17.05
N GLY A 471 -25.31 -25.18 -17.85
CA GLY A 471 -26.07 -25.63 -19.00
C GLY A 471 -25.57 -26.97 -19.50
N MET A 476 -20.06 -21.40 -23.41
CA MET A 476 -18.73 -21.40 -22.76
C MET A 476 -17.73 -20.65 -23.64
N VAL A 477 -17.64 -19.33 -23.45
CA VAL A 477 -16.78 -18.48 -24.26
C VAL A 477 -15.43 -18.29 -23.54
N LEU A 478 -14.33 -18.47 -24.29
CA LEU A 478 -12.99 -18.26 -23.76
C LEU A 478 -12.48 -16.89 -24.21
N ASP A 479 -11.30 -16.48 -23.72
CA ASP A 479 -10.68 -15.22 -24.08
C ASP A 479 -9.86 -15.40 -25.37
N GLU A 480 -10.56 -15.39 -26.50
CA GLU A 480 -10.01 -15.83 -27.78
C GLU A 480 -8.84 -14.94 -28.19
N ASP A 481 -8.91 -13.63 -27.88
CA ASP A 481 -7.85 -12.70 -28.28
C ASP A 481 -6.58 -13.01 -27.50
N PHE A 482 -6.72 -13.32 -26.20
CA PHE A 482 -5.56 -13.69 -25.43
C PHE A 482 -4.87 -14.85 -26.14
N LEU A 483 -5.61 -15.95 -26.36
CA LEU A 483 -5.08 -17.16 -26.95
C LEU A 483 -4.50 -16.86 -28.34
N ALA A 484 -5.14 -15.94 -29.06
CA ALA A 484 -4.64 -15.54 -30.37
C ALA A 484 -3.20 -15.06 -30.24
N ALA A 485 -2.95 -14.26 -29.20
CA ALA A 485 -1.66 -13.65 -28.96
C ALA A 485 -0.61 -14.71 -28.64
N LEU A 486 -1.00 -15.68 -27.79
CA LEU A 486 -0.12 -16.79 -27.46
C LEU A 486 0.28 -17.55 -28.73
N GLU A 487 -0.65 -17.68 -29.68
CA GLU A 487 -0.36 -18.45 -30.89
C GLU A 487 0.44 -17.62 -31.89
N TYR A 488 0.73 -16.35 -31.58
CA TYR A 488 1.72 -15.61 -32.34
C TYR A 488 3.11 -15.91 -31.77
N GLY A 489 3.12 -16.49 -30.55
CA GLY A 489 4.36 -17.01 -29.97
C GLY A 489 4.90 -16.10 -28.87
N MET A 490 4.86 -16.59 -27.63
CA MET A 490 5.37 -15.86 -26.47
C MET A 490 6.63 -16.55 -25.97
N PRO A 491 7.79 -15.86 -25.88
CA PRO A 491 9.04 -16.51 -25.47
C PRO A 491 8.97 -16.96 -24.03
N PRO A 492 9.83 -17.92 -23.63
CA PRO A 492 9.81 -18.40 -22.24
C PRO A 492 9.99 -17.19 -21.31
N CYS A 493 9.10 -17.07 -20.32
CA CYS A 493 9.11 -15.95 -19.41
C CYS A 493 8.52 -16.33 -18.06
N THR A 494 8.94 -15.64 -16.99
CA THR A 494 8.45 -15.91 -15.64
C THR A 494 7.76 -14.66 -15.11
N GLY A 495 6.51 -14.80 -14.69
CA GLY A 495 5.76 -13.70 -14.08
C GLY A 495 5.72 -13.83 -12.56
N THR A 496 5.49 -12.70 -11.89
CA THR A 496 5.24 -12.67 -10.46
C THR A 496 4.00 -11.82 -10.22
N GLY A 497 3.42 -11.99 -9.02
CA GLY A 497 2.48 -11.05 -8.45
C GLY A 497 2.86 -10.77 -6.99
N MET A 498 2.42 -9.63 -6.46
CA MET A 498 2.67 -9.28 -5.07
C MET A 498 1.66 -8.21 -4.66
N GLY A 499 1.11 -8.34 -3.45
CA GLY A 499 0.20 -7.34 -2.90
C GLY A 499 0.93 -6.26 -2.10
N ILE A 500 0.66 -4.99 -2.40
CA ILE A 500 1.33 -3.89 -1.73
C ILE A 500 0.93 -3.94 -0.26
N ASP A 501 -0.37 -4.14 -0.01
CA ASP A 501 -0.88 -4.13 1.36
C ASP A 501 -0.28 -5.29 2.12
N ARG A 502 -0.22 -6.44 1.47
CA ARG A 502 0.41 -7.62 2.05
C ARG A 502 1.87 -7.30 2.36
N LEU A 503 2.56 -6.65 1.41
CA LEU A 503 3.97 -6.31 1.56
C LEU A 503 4.16 -5.51 2.84
N LEU A 504 3.35 -4.47 3.01
CA LEU A 504 3.49 -3.58 4.15
C LEU A 504 3.14 -4.31 5.43
N MET A 505 2.02 -5.03 5.39
CA MET A 505 1.57 -5.83 6.51
C MET A 505 2.72 -6.74 6.94
N SER A 506 3.17 -7.59 6.01
CA SER A 506 4.24 -8.54 6.29
C SER A 506 5.46 -7.82 6.88
N LEU A 507 5.73 -6.58 6.44
CA LEU A 507 6.94 -5.86 6.85
C LEU A 507 6.77 -5.19 8.22
N THR A 508 5.54 -4.80 8.60
CA THR A 508 5.34 -3.81 9.64
C THR A 508 4.44 -4.32 10.79
N GLY A 509 3.47 -5.17 10.47
CA GLY A 509 2.50 -5.62 11.46
C GLY A 509 1.20 -4.82 11.39
N LEU A 510 1.10 -3.93 10.39
CA LEU A 510 -0.04 -3.04 10.30
C LEU A 510 -1.18 -3.79 9.64
N SER A 511 -2.41 -3.46 10.03
CA SER A 511 -3.59 -4.04 9.40
C SER A 511 -3.77 -3.39 8.03
N ILE A 512 -4.48 -4.10 7.14
CA ILE A 512 -4.78 -3.62 5.79
C ILE A 512 -5.51 -2.27 5.84
N ARG A 513 -6.20 -2.00 6.96
CA ARG A 513 -7.01 -0.80 7.12
C ARG A 513 -6.15 0.43 7.44
N GLU A 514 -4.86 0.23 7.69
CA GLU A 514 -3.94 1.32 8.00
C GLU A 514 -2.97 1.62 6.85
N THR A 515 -2.78 0.64 5.95
CA THR A 515 -1.73 0.73 4.92
C THR A 515 -2.19 1.58 3.75
N VAL A 516 -3.51 1.59 3.51
CA VAL A 516 -4.09 2.39 2.45
C VAL A 516 -4.55 3.70 3.07
N LEU A 517 -4.54 4.75 2.27
CA LEU A 517 -4.86 6.10 2.71
C LEU A 517 -6.36 6.19 2.97
N PHE A 518 -7.18 5.89 1.95
CA PHE A 518 -8.62 6.07 2.03
C PHE A 518 -9.31 4.76 1.65
N PRO A 519 -9.50 3.85 2.63
CA PRO A 519 -10.30 2.63 2.39
C PRO A 519 -11.79 2.86 2.64
N ILE A 520 -12.58 1.81 2.37
CA ILE A 520 -13.94 1.61 2.89
C ILE A 520 -14.70 0.72 1.89
#